data_9C3B
#
_entry.id   9C3B
#
_cell.length_a   1.00
_cell.length_b   1.00
_cell.length_c   1.00
_cell.angle_alpha   90.00
_cell.angle_beta   90.00
_cell.angle_gamma   90.00
#
_symmetry.space_group_name_H-M   'P 1'
#
loop_
_entity.id
_entity.type
_entity.pdbx_description
1 polymer 'Putative structural protein'
2 polymer gp40
#
loop_
_entity_poly.entity_id
_entity_poly.type
_entity_poly.pdbx_seq_one_letter_code
_entity_poly.pdbx_strand_id
1 'polypeptide(L)'
;MWNPIVNVDITLNTAGTTREGFGLPLFLASTDNFEERIRGYTSLTEVAEDFDESTAAYKAAKQLWSQTPKVTQLYIGRRT
MQYTVSIPDTVAEGSEYSLTVAIGGGVSQPFQYTAKENDTALIVLNEFKSQIEASPTIKDGVNASVTGTGASATMIITKA
GDNDFVKVTSITPTTSIAATTADTASAALASIETYSTDWYFISAEDRTQQFVLAMASEIQARKKIFFTANADVKALQGTD
LTSATDVPAQLAKSKYTRTVCLWHHTAEFDYPEMAYIAYGAPYDAGSIAWGNAQLTGVAASLQPANQRPLISIQKSALDT
RSCNFIDLDGGVPVVRRGITSGGEWIDIVRGVDWLESDLKTSLRDLLINQKGGKITYDDTGITRIRQVIETSLQRAVNRK
FLSTYTVTVPKASQVALADKKARILKDITFHGILAGAILDVDLKGTVAYE
;
A
2 'polypeptide(L)'
;MAMYQQYSPKDVVCSWNGIAIEGFAPDSFLRLQRTSPLVTPVVGAGGQVALTRNADKTGTIEIELMQTSLSNQMLSAIQA
KQDDMELEEDISSNFVIYDPSGSVLATGINAWLQELPQIELGRDQNSKTWIFGCEKLDYTSTIPASSV
;
B
#
# COMPACT_ATOMS: atom_id res chain seq x y z
N PRO A 4 22.35 8.20 36.40
CA PRO A 4 21.61 8.79 37.50
C PRO A 4 20.38 7.97 37.80
N ILE A 5 20.15 7.60 39.07
CA ILE A 5 19.01 6.69 39.42
C ILE A 5 17.80 6.99 38.54
N VAL A 6 17.33 8.24 38.53
CA VAL A 6 16.18 8.63 37.67
C VAL A 6 16.57 9.78 36.73
N ASN A 7 16.67 9.52 35.42
CA ASN A 7 17.07 10.56 34.49
C ASN A 7 15.81 11.18 33.91
N VAL A 8 15.50 12.39 34.35
CA VAL A 8 14.26 13.08 34.00
C VAL A 8 14.60 14.27 33.12
N ASP A 9 13.94 14.37 31.98
CA ASP A 9 14.14 15.48 31.05
C ASP A 9 12.75 16.05 30.75
N ILE A 10 12.61 17.37 30.91
CA ILE A 10 11.36 18.06 30.67
C ILE A 10 11.59 19.11 29.60
N THR A 11 10.82 19.03 28.53
CA THR A 11 10.91 19.98 27.43
C THR A 11 9.57 20.68 27.25
N LEU A 12 9.63 21.86 26.65
CA LEU A 12 8.46 22.71 26.45
C LEU A 12 7.86 22.55 25.06
N ASN A 13 7.91 21.35 24.51
CA ASN A 13 7.38 21.07 23.19
C ASN A 13 6.12 20.22 23.32
N THR A 14 5.11 20.53 22.50
CA THR A 14 3.87 19.79 22.53
C THR A 14 4.09 18.36 22.05
N ALA A 15 3.28 17.45 22.58
CA ALA A 15 3.39 16.03 22.26
C ALA A 15 2.67 15.71 20.96
N GLY A 16 3.31 14.88 20.14
CA GLY A 16 2.72 14.43 18.89
C GLY A 16 2.52 12.93 18.90
N THR A 17 1.48 12.48 18.21
CA THR A 17 1.12 11.07 18.17
C THR A 17 1.49 10.48 16.81
N THR A 18 2.13 9.33 16.82
CA THR A 18 2.54 8.63 15.61
C THR A 18 1.78 7.32 15.52
N ARG A 19 1.15 7.07 14.37
CA ARG A 19 0.39 5.85 14.16
C ARG A 19 0.92 5.11 12.93
N GLU A 20 0.83 3.79 12.97
CA GLU A 20 1.32 2.95 11.86
C GLU A 20 0.13 2.39 11.10
N GLY A 21 0.06 2.65 9.80
CA GLY A 21 -1.04 2.20 8.97
C GLY A 21 -0.57 1.22 7.92
N PHE A 22 -1.16 1.27 6.73
CA PHE A 22 -0.73 0.42 5.62
C PHE A 22 -0.11 1.31 4.56
N GLY A 23 1.14 1.06 4.24
CA GLY A 23 1.80 1.77 3.16
C GLY A 23 2.49 3.02 3.65
N LEU A 24 3.53 3.42 2.93
CA LEU A 24 4.28 4.63 3.24
C LEU A 24 4.39 5.48 1.99
N PRO A 25 4.35 6.81 2.13
CA PRO A 25 4.40 7.66 0.94
C PRO A 25 5.80 7.76 0.37
N LEU A 26 5.87 7.94 -0.94
CA LEU A 26 7.11 8.20 -1.65
C LEU A 26 6.92 9.44 -2.52
N PHE A 27 7.92 10.31 -2.52
CA PHE A 27 7.84 11.57 -3.26
C PHE A 27 9.02 11.68 -4.21
N LEU A 28 8.74 11.50 -5.50
CA LEU A 28 9.79 11.62 -6.54
C LEU A 28 10.05 13.10 -6.72
N ALA A 29 11.22 13.57 -6.30
CA ALA A 29 11.56 15.00 -6.46
C ALA A 29 12.42 15.19 -7.71
N SER A 30 13.16 16.28 -7.74
CA SER A 30 14.05 16.56 -8.89
C SER A 30 15.29 17.25 -8.35
N THR A 31 15.71 16.89 -7.13
CA THR A 31 16.87 17.53 -6.49
C THR A 31 17.91 16.47 -6.16
N ASP A 32 19.18 16.77 -6.43
CA ASP A 32 20.24 15.75 -6.23
C ASP A 32 20.93 15.99 -4.89
N ASN A 33 20.19 16.48 -3.91
CA ASN A 33 20.81 16.82 -2.60
C ASN A 33 21.53 15.59 -2.06
N PHE A 34 20.98 14.39 -2.33
CA PHE A 34 21.61 13.14 -1.83
C PHE A 34 22.06 12.31 -3.01
N GLU A 35 22.97 11.36 -2.79
CA GLU A 35 23.54 10.60 -3.91
C GLU A 35 22.72 9.35 -4.20
N GLU A 36 22.11 8.80 -3.16
CA GLU A 36 21.28 7.57 -3.33
C GLU A 36 20.01 7.91 -4.11
N ARG A 37 19.19 6.91 -4.38
CA ARG A 37 17.95 7.08 -5.12
C ARG A 37 16.75 7.32 -4.21
N ILE A 38 16.68 6.63 -3.08
CA ILE A 38 15.59 6.75 -2.13
C ILE A 38 16.18 6.91 -0.74
N ARG A 39 15.77 7.96 -0.04
CA ARG A 39 16.20 8.17 1.33
C ARG A 39 14.99 8.42 2.21
N GLY A 40 14.91 7.70 3.33
CA GLY A 40 13.77 7.82 4.22
C GLY A 40 13.98 8.88 5.28
N TYR A 41 12.90 9.56 5.63
CA TYR A 41 12.90 10.57 6.68
C TYR A 41 11.77 10.29 7.65
N THR A 42 12.00 10.57 8.92
CA THR A 42 11.03 10.27 9.96
C THR A 42 10.38 11.50 10.56
N SER A 43 10.79 12.70 10.16
CA SER A 43 10.16 13.92 10.65
C SER A 43 10.48 15.05 9.68
N LEU A 44 9.83 16.18 9.87
CA LEU A 44 10.10 17.35 9.04
C LEU A 44 11.51 17.89 9.29
N THR A 45 11.98 17.83 10.54
CA THR A 45 13.30 18.35 10.85
C THR A 45 14.39 17.61 10.11
N GLU A 46 14.27 16.28 10.03
CA GLU A 46 15.24 15.51 9.26
C GLU A 46 15.20 15.88 7.79
N VAL A 47 14.01 16.16 7.26
CA VAL A 47 13.92 16.63 5.88
C VAL A 47 14.64 17.95 5.72
N ALA A 48 14.49 18.86 6.69
CA ALA A 48 15.09 20.17 6.60
C ALA A 48 16.61 20.12 6.60
N GLU A 49 17.21 19.03 7.07
CA GLU A 49 18.67 18.94 7.10
C GLU A 49 19.25 18.81 5.69
N ASP A 50 18.51 18.24 4.76
CA ASP A 50 18.99 18.05 3.41
C ASP A 50 18.23 18.89 2.38
N PHE A 51 17.20 19.61 2.79
CA PHE A 51 16.40 20.41 1.87
C PHE A 51 16.11 21.76 2.50
N ASP A 52 15.99 22.78 1.66
CA ASP A 52 15.68 24.12 2.12
C ASP A 52 14.19 24.38 1.97
N GLU A 53 13.74 25.47 2.62
CA GLU A 53 12.32 25.78 2.64
C GLU A 53 11.76 26.06 1.26
N SER A 54 12.60 26.43 0.30
CA SER A 54 12.14 26.74 -1.04
C SER A 54 12.07 25.52 -1.94
N THR A 55 12.58 24.37 -1.51
CA THR A 55 12.54 23.18 -2.34
C THR A 55 11.15 22.54 -2.30
N ALA A 56 10.79 21.89 -3.40
CA ALA A 56 9.50 21.22 -3.47
C ALA A 56 9.41 20.06 -2.50
N ALA A 57 10.52 19.36 -2.27
CA ALA A 57 10.50 18.24 -1.34
C ALA A 57 10.15 18.70 0.07
N TYR A 58 10.71 19.83 0.50
CA TYR A 58 10.37 20.34 1.83
C TYR A 58 8.91 20.75 1.89
N LYS A 59 8.38 21.34 0.83
CA LYS A 59 6.96 21.70 0.82
C LYS A 59 6.08 20.46 0.95
N ALA A 60 6.40 19.41 0.19
CA ALA A 60 5.62 18.19 0.27
C ALA A 60 5.71 17.57 1.67
N ALA A 61 6.91 17.55 2.25
CA ALA A 61 7.06 17.00 3.59
C ALA A 61 6.27 17.81 4.61
N LYS A 62 6.29 19.13 4.49
CA LYS A 62 5.53 19.97 5.41
C LYS A 62 4.04 19.70 5.28
N GLN A 63 3.55 19.56 4.06
CA GLN A 63 2.15 19.23 3.86
C GLN A 63 1.79 17.87 4.44
N LEU A 64 2.71 16.91 4.33
CA LEU A 64 2.43 15.56 4.82
C LEU A 64 2.25 15.55 6.34
N TRP A 65 3.09 16.29 7.06
CA TRP A 65 3.15 16.19 8.51
C TRP A 65 2.31 17.25 9.21
N SER A 66 1.21 17.69 8.59
CA SER A 66 0.30 18.63 9.23
C SER A 66 -1.04 17.97 9.57
N GLN A 67 -1.01 16.72 10.01
CA GLN A 67 -2.23 15.98 10.32
C GLN A 67 -2.19 15.49 11.76
N THR A 68 -3.35 15.04 12.25
CA THR A 68 -3.44 14.64 13.65
C THR A 68 -2.55 13.44 13.97
N PRO A 69 -2.58 12.32 13.21
CA PRO A 69 -1.51 11.33 13.37
C PRO A 69 -0.26 11.82 12.66
N LYS A 70 0.79 11.01 12.60
CA LYS A 70 2.06 11.54 12.13
C LYS A 70 2.54 10.92 10.83
N VAL A 71 2.10 9.69 10.52
CA VAL A 71 2.65 8.92 9.40
C VAL A 71 4.11 8.62 9.71
N THR A 72 4.39 7.34 10.02
CA THR A 72 5.67 6.97 10.62
C THR A 72 6.86 7.47 9.81
N GLN A 73 6.89 7.19 8.52
CA GLN A 73 8.06 7.49 7.70
C GLN A 73 7.63 8.04 6.34
N LEU A 74 8.53 8.79 5.73
CA LEU A 74 8.35 9.30 4.38
C LEU A 74 9.59 9.01 3.56
N TYR A 75 9.40 8.50 2.35
CA TYR A 75 10.49 8.23 1.43
C TYR A 75 10.52 9.33 0.37
N ILE A 76 11.72 9.80 0.03
CA ILE A 76 11.90 10.81 -0.99
C ILE A 76 12.72 10.18 -2.11
N GLY A 77 12.20 10.24 -3.33
CA GLY A 77 12.87 9.67 -4.49
C GLY A 77 13.55 10.75 -5.30
N ARG A 78 14.68 10.39 -5.89
CA ARG A 78 15.50 11.32 -6.67
C ARG A 78 15.44 10.93 -8.14
N ARG A 79 15.09 11.89 -8.99
CA ARG A 79 15.07 11.70 -10.43
C ARG A 79 16.44 12.01 -11.02
N THR A 80 16.79 11.30 -12.09
CA THR A 80 18.03 11.58 -12.79
C THR A 80 17.89 12.89 -13.55
N MET A 81 18.69 13.88 -13.17
CA MET A 81 18.57 15.22 -13.74
C MET A 81 19.82 15.55 -14.54
N GLN A 82 19.60 16.15 -15.72
CA GLN A 82 20.68 16.61 -16.57
C GLN A 82 20.95 18.09 -16.31
N TYR A 83 22.05 18.58 -16.88
CA TYR A 83 22.46 19.96 -16.72
C TYR A 83 22.87 20.52 -18.07
N THR A 84 22.49 21.77 -18.33
CA THR A 84 22.86 22.49 -19.55
C THR A 84 23.67 23.71 -19.11
N VAL A 85 24.97 23.66 -19.33
CA VAL A 85 25.86 24.75 -18.95
C VAL A 85 25.88 25.78 -20.07
N SER A 86 25.68 27.05 -19.71
CA SER A 86 25.78 28.12 -20.73
C SER A 86 26.87 29.10 -20.33
N ILE A 87 27.10 30.12 -21.16
CA ILE A 87 28.17 31.12 -20.89
C ILE A 87 27.70 32.57 -21.06
N PRO A 88 26.75 32.94 -21.95
CA PRO A 88 26.39 34.32 -22.22
C PRO A 88 27.29 35.43 -21.69
N ASP A 89 28.49 35.57 -22.25
CA ASP A 89 29.44 36.64 -21.86
C ASP A 89 30.65 36.59 -22.79
N THR A 90 31.42 35.49 -22.77
CA THR A 90 32.62 35.32 -23.63
C THR A 90 33.56 36.52 -23.49
N VAL A 91 34.35 36.55 -22.40
CA VAL A 91 35.24 37.71 -22.16
C VAL A 91 36.58 37.26 -21.57
N ALA A 92 37.59 37.07 -22.42
CA ALA A 92 38.94 36.62 -21.96
C ALA A 92 38.78 35.42 -21.02
N GLU A 93 39.59 35.39 -19.97
CA GLU A 93 39.51 34.28 -19.00
C GLU A 93 38.70 34.72 -17.79
N GLY A 94 39.04 35.87 -17.22
CA GLY A 94 38.37 36.28 -15.98
C GLY A 94 38.43 35.08 -15.05
N SER A 95 37.36 34.28 -15.00
CA SER A 95 37.42 33.03 -14.23
C SER A 95 36.86 31.92 -15.11
N GLU A 96 35.72 32.17 -15.77
CA GLU A 96 35.09 31.16 -16.65
C GLU A 96 35.48 29.77 -16.14
N TYR A 97 34.98 29.36 -14.97
CA TYR A 97 35.43 28.07 -14.39
C TYR A 97 34.59 27.59 -13.21
N SER A 98 35.25 26.92 -12.27
CA SER A 98 34.61 26.38 -11.08
C SER A 98 33.40 25.51 -11.39
N LEU A 99 33.41 24.78 -12.51
CA LEU A 99 32.28 23.91 -12.84
C LEU A 99 32.09 22.83 -11.78
N THR A 100 33.18 22.18 -11.35
CA THR A 100 33.15 21.18 -10.30
C THR A 100 32.15 20.07 -10.58
N VAL A 101 32.36 19.32 -11.67
CA VAL A 101 31.51 18.18 -11.96
C VAL A 101 31.70 17.10 -10.91
N ALA A 102 30.73 16.93 -10.02
CA ALA A 102 30.87 16.03 -8.89
C ALA A 102 30.95 14.57 -9.33
N ILE A 103 29.91 14.09 -10.00
CA ILE A 103 29.79 12.70 -10.42
C ILE A 103 29.68 11.77 -9.21
N GLY A 104 29.26 10.52 -9.45
CA GLY A 104 29.01 9.60 -8.38
C GLY A 104 30.28 9.17 -7.66
N GLY A 105 30.08 8.48 -6.56
CA GLY A 105 31.20 7.98 -5.78
C GLY A 105 31.67 8.95 -4.71
N GLY A 106 31.93 10.19 -5.11
CA GLY A 106 32.39 11.19 -4.18
C GLY A 106 33.48 12.10 -4.73
N VAL A 107 33.81 11.92 -6.00
CA VAL A 107 34.82 12.76 -6.63
C VAL A 107 34.30 14.18 -6.79
N SER A 108 35.22 15.13 -6.94
CA SER A 108 34.82 16.49 -7.27
C SER A 108 35.50 16.99 -8.54
N GLN A 109 36.83 16.81 -8.61
CA GLN A 109 37.69 17.23 -9.72
C GLN A 109 37.23 18.54 -10.33
N PRO A 110 37.36 19.66 -9.62
CA PRO A 110 36.79 20.92 -10.11
C PRO A 110 37.42 21.42 -11.40
N PHE A 111 36.92 22.55 -11.90
CA PHE A 111 37.38 23.11 -13.16
C PHE A 111 38.01 24.47 -12.92
N GLN A 112 38.94 24.84 -13.80
CA GLN A 112 39.68 26.08 -13.70
C GLN A 112 39.51 26.88 -14.98
N TYR A 113 40.00 28.11 -14.95
CA TYR A 113 39.87 29.06 -16.06
C TYR A 113 40.35 28.44 -17.37
N THR A 114 39.45 28.31 -18.34
CA THR A 114 39.80 27.59 -19.56
C THR A 114 40.73 28.41 -20.45
N ALA A 115 40.23 29.54 -20.96
CA ALA A 115 41.06 30.27 -21.96
C ALA A 115 40.66 31.73 -22.12
N LYS A 116 41.17 32.36 -23.19
CA LYS A 116 40.91 33.79 -23.46
C LYS A 116 41.41 34.05 -24.88
N GLU A 117 41.88 35.27 -25.17
CA GLU A 117 42.48 35.57 -26.49
C GLU A 117 41.52 35.19 -27.63
N ASN A 118 40.54 36.04 -27.91
CA ASN A 118 39.57 35.78 -29.01
C ASN A 118 38.93 34.39 -28.84
N ASP A 119 38.55 34.03 -27.60
CA ASP A 119 37.86 32.75 -27.37
C ASP A 119 36.38 33.03 -27.09
N THR A 120 35.50 32.35 -27.82
CA THR A 120 34.05 32.54 -27.63
C THR A 120 33.49 31.44 -26.74
N ALA A 121 32.27 31.64 -26.25
CA ALA A 121 31.63 30.61 -25.44
C ALA A 121 31.80 29.21 -26.03
N LEU A 122 31.73 29.08 -27.37
CA LEU A 122 31.94 27.79 -27.99
C LEU A 122 33.32 27.23 -27.64
N ILE A 123 34.36 28.06 -27.79
CA ILE A 123 35.72 27.60 -27.53
C ILE A 123 35.91 27.23 -26.07
N VAL A 124 35.44 28.06 -25.15
CA VAL A 124 35.67 27.78 -23.73
C VAL A 124 34.88 26.56 -23.29
N LEU A 125 33.66 26.38 -23.81
CA LEU A 125 32.89 25.20 -23.46
C LEU A 125 33.51 23.93 -24.02
N ASN A 126 34.02 24.00 -25.26
CA ASN A 126 34.71 22.84 -25.81
C ASN A 126 35.97 22.51 -25.02
N GLU A 127 36.68 23.56 -24.57
CA GLU A 127 37.84 23.34 -23.71
C GLU A 127 37.46 22.70 -22.39
N PHE A 128 36.34 23.12 -21.80
CA PHE A 128 35.86 22.49 -20.57
C PHE A 128 35.52 21.03 -20.81
N LYS A 129 34.84 20.74 -21.92
CA LYS A 129 34.52 19.35 -22.24
C LYS A 129 35.78 18.51 -22.39
N SER A 130 36.77 19.04 -23.10
CA SER A 130 38.02 18.32 -23.29
C SER A 130 38.75 18.10 -21.98
N GLN A 131 38.75 19.12 -21.11
CA GLN A 131 39.40 18.98 -19.81
C GLN A 131 38.71 17.93 -18.96
N ILE A 132 37.37 17.90 -18.99
CA ILE A 132 36.63 16.90 -18.22
C ILE A 132 36.92 15.51 -18.75
N GLU A 133 36.92 15.34 -20.08
CA GLU A 133 37.24 14.04 -20.65
C GLU A 133 38.68 13.64 -20.33
N ALA A 134 39.58 14.62 -20.21
CA ALA A 134 40.97 14.32 -19.90
C ALA A 134 41.13 13.77 -18.50
N SER A 135 40.35 14.26 -17.54
CA SER A 135 40.48 13.82 -16.16
C SER A 135 40.07 12.35 -16.06
N PRO A 136 40.82 11.52 -15.34
CA PRO A 136 40.50 10.11 -15.26
C PRO A 136 39.59 9.64 -14.14
N THR A 137 38.85 10.57 -13.53
CA THR A 137 37.90 10.22 -12.48
C THR A 137 36.46 10.48 -12.89
N ILE A 138 36.23 11.12 -14.03
CA ILE A 138 34.88 11.46 -14.46
C ILE A 138 34.53 10.93 -15.84
N LYS A 139 35.50 10.74 -16.75
CA LYS A 139 35.18 10.36 -18.12
C LYS A 139 34.50 9.00 -18.19
N ASP A 140 34.78 8.14 -17.20
CA ASP A 140 34.22 6.79 -17.23
C ASP A 140 32.70 6.80 -17.14
N GLY A 141 32.14 7.62 -16.26
CA GLY A 141 30.71 7.60 -15.99
C GLY A 141 29.93 8.84 -16.36
N VAL A 142 30.56 9.84 -16.98
CA VAL A 142 29.89 11.09 -17.33
C VAL A 142 30.09 11.35 -18.81
N ASN A 143 29.01 11.66 -19.51
CA ASN A 143 29.03 11.95 -20.93
C ASN A 143 28.81 13.44 -21.14
N ALA A 144 29.52 14.02 -22.09
CA ALA A 144 29.40 15.43 -22.43
C ALA A 144 28.96 15.59 -23.87
N SER A 145 28.23 16.67 -24.14
CA SER A 145 27.74 16.94 -25.49
C SER A 145 27.62 18.45 -25.65
N VAL A 146 28.52 19.04 -26.42
CA VAL A 146 28.52 20.46 -26.67
C VAL A 146 27.73 20.75 -27.94
N THR A 147 26.40 20.79 -27.82
CA THR A 147 25.62 21.16 -29.01
C THR A 147 26.01 22.59 -29.36
N GLY A 148 25.95 23.49 -28.37
CA GLY A 148 26.42 24.87 -28.58
C GLY A 148 25.67 25.61 -29.68
N THR A 149 25.74 25.10 -30.91
CA THR A 149 25.06 25.73 -32.06
C THR A 149 25.41 27.22 -32.11
N GLY A 150 26.70 27.54 -32.09
CA GLY A 150 27.12 28.95 -32.20
C GLY A 150 26.99 29.67 -30.88
N ALA A 151 26.86 30.99 -30.92
CA ALA A 151 26.77 31.80 -29.69
C ALA A 151 25.96 31.10 -28.60
N SER A 152 24.85 30.42 -28.96
CA SER A 152 24.03 29.86 -27.89
C SER A 152 24.88 29.08 -26.90
N ALA A 153 25.72 28.19 -27.39
CA ALA A 153 26.70 27.48 -26.57
C ALA A 153 26.04 26.70 -25.43
N THR A 154 25.28 25.65 -25.78
CA THR A 154 24.62 24.80 -24.80
C THR A 154 25.54 23.64 -24.46
N MET A 155 25.97 23.56 -23.21
CA MET A 155 26.86 22.48 -22.74
C MET A 155 26.05 21.52 -21.86
N ILE A 156 25.58 20.45 -22.49
CA ILE A 156 24.74 19.47 -21.81
C ILE A 156 25.62 18.38 -21.21
N ILE A 157 25.43 18.11 -19.92
CA ILE A 157 26.17 17.07 -19.22
C ILE A 157 25.16 16.07 -18.65
N THR A 158 25.58 14.81 -18.57
CA THR A 158 24.70 13.75 -18.06
C THR A 158 25.56 12.57 -17.63
N LYS A 159 24.98 11.73 -16.77
CA LYS A 159 25.66 10.51 -16.37
C LYS A 159 25.77 9.54 -17.54
N ALA A 160 26.94 8.92 -17.68
CA ALA A 160 27.20 8.04 -18.81
C ALA A 160 27.05 6.60 -18.36
N GLY A 161 27.83 6.13 -17.39
CA GLY A 161 27.86 4.71 -17.09
C GLY A 161 27.30 4.34 -15.75
N ASP A 162 28.10 3.62 -14.96
CA ASP A 162 27.65 3.11 -13.66
C ASP A 162 27.28 4.23 -12.71
N ASN A 163 28.07 5.31 -12.70
CA ASN A 163 27.82 6.44 -11.82
C ASN A 163 26.44 7.02 -12.07
N ASP A 164 25.53 6.87 -11.11
CA ASP A 164 24.17 7.36 -11.23
C ASP A 164 23.97 8.72 -10.62
N PHE A 165 25.03 9.34 -10.08
CA PHE A 165 24.97 10.66 -9.49
C PHE A 165 25.79 11.61 -10.35
N VAL A 166 25.22 12.76 -10.68
CA VAL A 166 25.92 13.79 -11.43
C VAL A 166 25.43 15.14 -10.93
N LYS A 167 26.36 16.05 -10.62
CA LYS A 167 26.00 17.37 -10.09
C LYS A 167 27.13 18.32 -10.45
N VAL A 168 26.82 19.33 -11.25
CA VAL A 168 27.85 20.22 -11.79
C VAL A 168 27.60 21.66 -11.34
N THR A 169 27.08 21.82 -10.12
CA THR A 169 26.85 23.17 -9.59
C THR A 169 28.15 23.97 -9.59
N SER A 170 28.08 25.20 -10.07
CA SER A 170 29.24 26.06 -10.21
C SER A 170 28.94 27.40 -9.58
N ILE A 171 29.86 27.89 -8.74
CA ILE A 171 29.72 29.22 -8.18
C ILE A 171 30.07 30.26 -9.24
N THR A 172 29.94 31.54 -8.86
CA THR A 172 30.33 32.70 -9.66
C THR A 172 29.42 32.91 -10.87
N PRO A 173 29.17 34.15 -11.26
CA PRO A 173 28.36 34.39 -12.46
C PRO A 173 29.01 33.92 -13.75
N THR A 174 30.25 33.45 -13.69
CA THR A 174 31.01 33.04 -14.86
C THR A 174 30.29 31.95 -15.66
N THR A 175 29.82 30.91 -14.99
CA THR A 175 29.16 29.79 -15.65
C THR A 175 27.65 29.87 -15.44
N SER A 176 26.90 29.82 -16.54
CA SER A 176 25.44 29.86 -16.50
C SER A 176 24.87 28.45 -16.54
N ILE A 177 24.99 27.76 -15.41
CA ILE A 177 24.56 26.37 -15.32
C ILE A 177 23.04 26.30 -15.26
N ALA A 178 22.49 25.15 -15.61
CA ALA A 178 21.07 24.83 -15.48
C ALA A 178 20.93 23.44 -14.90
N ALA A 179 19.69 23.07 -14.55
CA ALA A 179 19.42 21.76 -13.98
C ALA A 179 18.00 21.34 -14.34
N THR A 180 17.88 20.33 -15.18
CA THR A 180 16.60 19.81 -15.59
C THR A 180 16.61 18.29 -15.55
N THR A 181 15.44 17.71 -15.27
CA THR A 181 15.29 16.27 -15.29
C THR A 181 15.33 15.76 -16.72
N ALA A 182 16.02 14.63 -16.92
CA ALA A 182 16.22 14.07 -18.26
C ALA A 182 15.77 12.62 -18.35
N ASP A 183 14.70 12.27 -17.65
CA ASP A 183 14.16 10.92 -17.71
C ASP A 183 12.66 10.97 -17.86
N THR A 184 12.11 10.00 -18.58
CA THR A 184 10.67 9.86 -18.67
C THR A 184 10.14 9.20 -17.41
N ALA A 185 8.84 8.96 -17.37
CA ALA A 185 8.25 8.28 -16.23
C ALA A 185 8.80 6.87 -16.09
N SER A 186 9.02 6.18 -17.22
CA SER A 186 9.50 4.81 -17.17
C SER A 186 10.90 4.73 -16.59
N ALA A 187 11.80 5.59 -17.06
CA ALA A 187 13.17 5.56 -16.55
C ALA A 187 13.20 5.87 -15.06
N ALA A 188 12.46 6.90 -14.64
CA ALA A 188 12.45 7.28 -13.24
C ALA A 188 11.86 6.16 -12.38
N LEU A 189 10.76 5.56 -12.82
CA LEU A 189 10.14 4.50 -12.04
C LEU A 189 11.03 3.27 -11.96
N ALA A 190 11.67 2.90 -13.07
CA ALA A 190 12.56 1.75 -13.04
C ALA A 190 13.75 2.00 -12.13
N SER A 191 14.33 3.20 -12.20
CA SER A 191 15.45 3.53 -11.32
C SER A 191 15.03 3.50 -9.86
N ILE A 192 13.84 4.03 -9.56
CA ILE A 192 13.36 4.04 -8.18
C ILE A 192 13.11 2.62 -7.70
N GLU A 193 12.46 1.80 -8.51
CA GLU A 193 12.16 0.43 -8.10
C GLU A 193 13.41 -0.42 -7.98
N THR A 194 14.46 -0.08 -8.72
CA THR A 194 15.72 -0.82 -8.58
C THR A 194 16.30 -0.66 -7.19
N TYR A 195 15.94 0.40 -6.47
CA TYR A 195 16.47 0.61 -5.13
C TYR A 195 15.61 -0.06 -4.07
N SER A 196 14.34 0.31 -3.99
CA SER A 196 13.43 -0.26 -3.02
C SER A 196 12.02 -0.25 -3.59
N THR A 197 11.17 -1.12 -3.05
CA THR A 197 9.80 -1.27 -3.54
C THR A 197 8.82 -1.41 -2.38
N ASP A 198 9.23 -1.00 -1.19
CA ASP A 198 8.39 -1.09 0.01
C ASP A 198 7.56 0.16 0.25
N TRP A 199 7.31 0.95 -0.77
CA TRP A 199 6.50 2.16 -0.69
C TRP A 199 5.19 1.94 -1.42
N TYR A 200 4.14 2.61 -0.94
CA TYR A 200 2.81 2.44 -1.51
C TYR A 200 2.29 3.70 -2.21
N PHE A 201 2.22 4.82 -1.50
CA PHE A 201 1.77 6.06 -2.11
C PHE A 201 2.92 6.75 -2.81
N ILE A 202 2.67 7.21 -4.03
CA ILE A 202 3.69 7.92 -4.80
C ILE A 202 3.11 9.20 -5.36
N SER A 203 3.87 10.29 -5.21
CA SER A 203 3.54 11.58 -5.80
C SER A 203 4.81 12.16 -6.38
N ALA A 204 4.66 13.02 -7.38
CA ALA A 204 5.80 13.54 -8.12
C ALA A 204 5.82 15.06 -8.09
N GLU A 205 7.02 15.62 -8.00
CA GLU A 205 7.18 17.07 -8.08
C GLU A 205 6.82 17.59 -9.45
N ASP A 206 7.18 16.85 -10.51
CA ASP A 206 6.93 17.30 -11.87
C ASP A 206 5.44 17.36 -12.14
N ARG A 207 4.99 18.44 -12.80
CA ARG A 207 3.58 18.64 -13.06
C ARG A 207 3.29 18.81 -14.54
N THR A 208 4.18 18.35 -15.41
CA THR A 208 3.90 18.39 -16.83
C THR A 208 2.83 17.36 -17.17
N GLN A 209 2.03 17.67 -18.19
CA GLN A 209 0.95 16.76 -18.57
C GLN A 209 1.50 15.42 -19.03
N GLN A 210 2.55 15.44 -19.84
CA GLN A 210 3.08 14.19 -20.38
C GLN A 210 3.64 13.30 -19.28
N PHE A 211 4.43 13.88 -18.38
CA PHE A 211 5.01 13.07 -17.31
C PHE A 211 3.94 12.50 -16.40
N VAL A 212 2.95 13.31 -16.04
CA VAL A 212 1.89 12.82 -15.16
C VAL A 212 1.11 11.69 -15.84
N LEU A 213 0.77 11.88 -17.11
CA LEU A 213 0.01 10.85 -17.82
C LEU A 213 0.79 9.55 -17.90
N ALA A 214 2.07 9.62 -18.27
CA ALA A 214 2.87 8.41 -18.36
C ALA A 214 3.07 7.77 -17.00
N MET A 215 3.29 8.58 -15.96
CA MET A 215 3.49 8.06 -14.62
C MET A 215 2.26 7.30 -14.14
N ALA A 216 1.08 7.88 -14.34
CA ALA A 216 -0.14 7.18 -13.98
C ALA A 216 -0.33 5.91 -14.81
N SER A 217 0.02 5.98 -16.09
CA SER A 217 -0.10 4.81 -16.95
C SER A 217 0.75 3.66 -16.43
N GLU A 218 1.98 3.95 -15.99
CA GLU A 218 2.85 2.89 -15.50
C GLU A 218 2.49 2.46 -14.08
N ILE A 219 1.90 3.34 -13.28
CA ILE A 219 1.44 2.92 -11.96
C ILE A 219 0.25 1.97 -12.08
N GLN A 220 -0.65 2.25 -13.03
CA GLN A 220 -1.85 1.44 -13.17
C GLN A 220 -1.53 -0.04 -13.33
N ALA A 221 -0.39 -0.36 -13.95
CA ALA A 221 0.00 -1.75 -14.12
C ALA A 221 0.56 -2.36 -12.85
N ARG A 222 0.76 -1.58 -11.81
CA ARG A 222 1.39 -2.05 -10.58
C ARG A 222 0.38 -2.05 -9.43
N LYS A 223 0.88 -2.38 -8.25
CA LYS A 223 0.06 -2.49 -7.03
C LYS A 223 0.25 -1.30 -6.11
N LYS A 224 0.35 -0.10 -6.67
CA LYS A 224 0.58 1.10 -5.87
C LYS A 224 -0.37 2.19 -6.33
N ILE A 225 -0.50 3.23 -5.51
CA ILE A 225 -1.44 4.32 -5.75
C ILE A 225 -0.64 5.59 -6.00
N PHE A 226 -0.99 6.30 -7.08
CA PHE A 226 -0.32 7.53 -7.47
C PHE A 226 -1.23 8.71 -7.15
N PHE A 227 -0.77 9.60 -6.29
CA PHE A 227 -1.53 10.77 -5.85
C PHE A 227 -1.02 12.00 -6.58
N THR A 228 -1.93 12.77 -7.15
CA THR A 228 -1.55 13.95 -7.90
C THR A 228 -2.53 15.08 -7.62
N ALA A 229 -2.11 16.29 -7.99
CA ALA A 229 -2.92 17.48 -7.83
C ALA A 229 -2.88 18.28 -9.14
N ASN A 230 -3.84 19.17 -9.30
CA ASN A 230 -3.93 19.96 -10.52
C ASN A 230 -4.60 21.29 -10.22
N ALA A 231 -4.30 22.29 -11.05
CA ALA A 231 -4.97 23.58 -10.98
C ALA A 231 -5.23 24.13 -12.38
N ASP A 232 -5.68 23.28 -13.30
CA ASP A 232 -5.98 23.72 -14.65
C ASP A 232 -7.41 24.24 -14.72
N VAL A 233 -7.55 25.46 -15.24
CA VAL A 233 -8.87 26.08 -15.31
C VAL A 233 -9.78 25.31 -16.28
N LYS A 234 -9.20 24.78 -17.36
CA LYS A 234 -9.99 24.05 -18.34
C LYS A 234 -10.70 22.86 -17.73
N ALA A 235 -10.22 22.35 -16.60
CA ALA A 235 -10.91 21.26 -15.92
C ALA A 235 -12.28 21.68 -15.40
N LEU A 236 -12.45 22.96 -15.06
CA LEU A 236 -13.71 23.44 -14.51
C LEU A 236 -14.71 23.84 -15.58
N GLN A 237 -14.28 24.04 -16.82
CA GLN A 237 -15.18 24.59 -17.83
C GLN A 237 -16.09 23.53 -18.43
N GLY A 238 -15.52 22.56 -19.12
CA GLY A 238 -16.31 21.61 -19.87
C GLY A 238 -16.96 20.57 -19.00
N THR A 239 -18.02 19.98 -19.54
CA THR A 239 -18.72 18.87 -18.89
C THR A 239 -18.73 17.60 -19.73
N ASP A 240 -18.77 17.71 -21.05
CA ASP A 240 -18.62 16.54 -21.90
C ASP A 240 -17.17 16.09 -21.89
N LEU A 241 -16.96 14.77 -21.75
CA LEU A 241 -15.60 14.26 -21.59
C LEU A 241 -14.80 14.38 -22.88
N THR A 242 -15.32 13.80 -23.96
CA THR A 242 -14.55 13.76 -25.21
C THR A 242 -14.02 15.14 -25.49
N SER A 243 -14.74 16.14 -25.02
CA SER A 243 -14.35 17.53 -25.34
C SER A 243 -13.12 17.94 -24.54
N ALA A 244 -13.01 17.47 -23.29
CA ALA A 244 -11.89 17.93 -22.44
C ALA A 244 -10.61 17.18 -22.79
N THR A 245 -9.49 17.90 -22.84
CA THR A 245 -8.22 17.26 -23.14
C THR A 245 -7.14 17.80 -22.19
N ASP A 246 -7.50 17.96 -20.93
CA ASP A 246 -6.55 18.35 -19.90
C ASP A 246 -6.22 17.15 -19.02
N VAL A 247 -5.23 17.32 -18.15
CA VAL A 247 -4.68 16.23 -17.35
C VAL A 247 -5.76 15.48 -16.58
N PRO A 248 -6.69 16.17 -15.87
CA PRO A 248 -7.72 15.43 -15.15
C PRO A 248 -8.69 14.68 -16.06
N ALA A 249 -8.74 15.04 -17.34
CA ALA A 249 -9.73 14.45 -18.24
C ALA A 249 -9.27 13.11 -18.80
N GLN A 250 -8.09 13.07 -19.41
CA GLN A 250 -7.64 11.82 -20.03
C GLN A 250 -7.49 10.72 -19.00
N LEU A 251 -7.23 11.09 -17.76
CA LEU A 251 -7.15 10.10 -16.69
C LEU A 251 -8.48 9.38 -16.53
N ALA A 252 -9.58 10.14 -16.52
CA ALA A 252 -10.90 9.52 -16.49
C ALA A 252 -11.15 8.74 -17.78
N LYS A 253 -10.74 9.31 -18.91
CA LYS A 253 -10.94 8.65 -20.20
C LYS A 253 -10.18 7.33 -20.27
N SER A 254 -8.95 7.30 -19.75
CA SER A 254 -8.15 6.09 -19.78
C SER A 254 -8.55 5.08 -18.72
N LYS A 255 -9.38 5.49 -17.75
CA LYS A 255 -9.83 4.61 -16.68
C LYS A 255 -8.65 4.07 -15.87
N TYR A 256 -7.91 4.98 -15.25
CA TYR A 256 -6.76 4.61 -14.42
C TYR A 256 -7.22 4.53 -12.97
N THR A 257 -7.69 3.36 -12.57
CA THR A 257 -8.22 3.19 -11.22
C THR A 257 -7.18 3.41 -10.13
N ARG A 258 -5.89 3.40 -10.48
CA ARG A 258 -4.82 3.48 -9.48
C ARG A 258 -4.20 4.87 -9.40
N THR A 259 -4.90 5.90 -9.85
CA THR A 259 -4.44 7.26 -9.67
C THR A 259 -5.54 8.10 -9.05
N VAL A 260 -5.15 9.03 -8.20
CA VAL A 260 -6.08 9.90 -7.49
C VAL A 260 -5.70 11.34 -7.81
N CYS A 261 -6.64 12.09 -8.38
CA CYS A 261 -6.40 13.47 -8.77
C CYS A 261 -7.24 14.39 -7.90
N LEU A 262 -6.60 15.35 -7.28
CA LEU A 262 -7.26 16.30 -6.39
C LEU A 262 -7.04 17.70 -6.97
N TRP A 263 -8.11 18.32 -7.46
CA TRP A 263 -8.01 19.65 -8.03
C TRP A 263 -7.96 20.68 -6.91
N HIS A 264 -6.81 21.33 -6.75
CA HIS A 264 -6.65 22.40 -5.78
C HIS A 264 -5.95 23.57 -6.45
N HIS A 265 -6.35 24.78 -6.06
CA HIS A 265 -5.80 25.97 -6.70
C HIS A 265 -4.32 26.16 -6.36
N THR A 266 -3.86 25.56 -5.27
CA THR A 266 -2.45 25.65 -4.88
C THR A 266 -1.64 24.49 -5.43
N ALA A 267 -1.75 24.26 -6.74
CA ALA A 267 -0.88 23.29 -7.39
C ALA A 267 0.45 23.95 -7.73
N GLU A 268 1.25 23.30 -8.57
CA GLU A 268 2.62 23.73 -8.91
C GLU A 268 3.35 24.32 -7.71
N PHE A 269 2.97 25.52 -7.30
CA PHE A 269 3.61 26.20 -6.16
C PHE A 269 3.64 25.31 -4.93
N ASP A 270 2.49 24.73 -4.59
CA ASP A 270 2.38 23.86 -3.42
C ASP A 270 1.92 22.47 -3.83
N TYR A 271 1.97 21.55 -2.88
CA TYR A 271 1.61 20.15 -3.10
C TYR A 271 0.60 19.73 -2.04
N PRO A 272 -0.69 19.92 -2.30
CA PRO A 272 -1.69 19.62 -1.27
C PRO A 272 -2.05 18.15 -1.18
N GLU A 273 -1.70 17.34 -2.20
CA GLU A 273 -2.09 15.94 -2.17
C GLU A 273 -1.38 15.17 -1.07
N MET A 274 -0.27 15.68 -0.56
CA MET A 274 0.42 14.99 0.52
C MET A 274 -0.43 14.97 1.79
N ALA A 275 -1.15 16.05 2.06
CA ALA A 275 -2.07 16.06 3.19
C ALA A 275 -3.17 15.03 2.99
N TYR A 276 -3.69 14.93 1.77
CA TYR A 276 -4.71 13.92 1.51
C TYR A 276 -4.15 12.52 1.71
N ILE A 277 -2.89 12.29 1.36
CA ILE A 277 -2.26 11.00 1.65
C ILE A 277 -2.20 10.77 3.14
N ALA A 278 -1.77 11.79 3.90
CA ALA A 278 -1.62 11.63 5.33
C ALA A 278 -2.96 11.45 6.04
N TYR A 279 -4.06 11.82 5.38
CA TYR A 279 -5.37 11.64 6.00
C TYR A 279 -5.66 10.17 6.28
N GLY A 280 -5.31 9.29 5.34
CA GLY A 280 -5.62 7.88 5.49
C GLY A 280 -4.43 6.95 5.59
N ALA A 281 -3.22 7.51 5.48
CA ALA A 281 -2.02 6.69 5.57
C ALA A 281 -1.87 5.98 6.92
N PRO A 282 -2.07 6.62 8.07
CA PRO A 282 -1.82 5.93 9.33
C PRO A 282 -2.96 5.05 9.82
N TYR A 283 -4.00 4.83 9.01
CA TYR A 283 -5.13 4.02 9.41
C TYR A 283 -5.16 2.74 8.59
N ASP A 284 -5.62 1.67 9.24
CA ASP A 284 -5.61 0.36 8.61
C ASP A 284 -6.45 0.36 7.35
N ALA A 285 -5.91 -0.22 6.28
CA ALA A 285 -6.54 -0.15 4.98
C ALA A 285 -7.85 -0.91 4.97
N GLY A 286 -8.87 -0.32 4.34
CA GLY A 286 -10.17 -0.93 4.22
C GLY A 286 -11.18 -0.47 5.25
N SER A 287 -10.74 -0.22 6.48
CA SER A 287 -11.63 0.20 7.54
C SER A 287 -11.90 1.69 7.53
N ILE A 288 -11.31 2.43 6.60
CA ILE A 288 -11.42 3.87 6.56
C ILE A 288 -12.27 4.27 5.36
N ALA A 289 -12.87 5.44 5.44
CA ALA A 289 -13.65 6.01 4.36
C ALA A 289 -12.95 7.28 3.91
N TRP A 290 -12.39 7.27 2.70
CA TRP A 290 -11.61 8.38 2.20
C TRP A 290 -12.45 9.54 1.71
N GLY A 291 -13.77 9.39 1.67
CA GLY A 291 -14.60 10.41 1.06
C GLY A 291 -14.65 11.72 1.81
N ASN A 292 -15.36 11.75 2.92
CA ASN A 292 -15.61 13.00 3.64
C ASN A 292 -14.46 13.27 4.60
N ALA A 293 -13.38 13.80 4.04
CA ALA A 293 -12.15 14.01 4.77
C ALA A 293 -11.97 15.48 5.09
N GLN A 294 -11.63 15.76 6.34
CA GLN A 294 -11.23 17.09 6.77
C GLN A 294 -9.73 17.15 6.91
N LEU A 295 -9.10 18.11 6.23
CA LEU A 295 -7.66 18.29 6.27
C LEU A 295 -7.35 19.56 7.04
N THR A 296 -6.40 19.48 7.97
CA THR A 296 -6.02 20.64 8.76
C THR A 296 -5.07 21.51 7.96
N GLY A 297 -5.33 22.81 7.97
CA GLY A 297 -4.43 23.76 7.34
C GLY A 297 -4.53 23.84 5.83
N VAL A 298 -5.52 23.20 5.22
CA VAL A 298 -5.72 23.22 3.78
C VAL A 298 -7.07 23.88 3.51
N ALA A 299 -7.06 24.92 2.68
CA ALA A 299 -8.27 25.66 2.39
C ALA A 299 -9.06 25.01 1.27
N ALA A 300 -10.28 25.51 1.05
CA ALA A 300 -11.13 24.97 0.00
C ALA A 300 -10.56 25.30 -1.37
N SER A 301 -11.02 24.56 -2.38
CA SER A 301 -10.49 24.76 -3.73
C SER A 301 -10.96 26.11 -4.26
N LEU A 302 -10.15 27.13 -4.07
CA LEU A 302 -10.53 28.48 -4.46
C LEU A 302 -10.56 28.61 -5.98
N GLN A 303 -11.39 29.52 -6.45
CA GLN A 303 -11.44 29.78 -7.88
C GLN A 303 -10.16 30.49 -8.34
N PRO A 304 -9.66 30.16 -9.52
CA PRO A 304 -8.43 30.81 -10.00
C PRO A 304 -8.54 32.31 -10.13
N ALA A 305 -9.72 32.80 -10.50
CA ALA A 305 -9.90 34.22 -10.84
C ALA A 305 -10.34 35.04 -9.63
N ASN A 306 -11.49 34.70 -9.05
CA ASN A 306 -12.04 35.51 -7.97
C ASN A 306 -11.59 35.06 -6.59
N GLN A 307 -10.82 33.98 -6.56
CA GLN A 307 -10.32 33.43 -5.28
C GLN A 307 -11.50 33.19 -4.34
N ARG A 308 -12.58 32.61 -4.85
CA ARG A 308 -13.73 32.25 -3.98
C ARG A 308 -14.07 30.77 -4.25
N PRO A 309 -14.63 30.02 -3.28
CA PRO A 309 -14.90 28.61 -3.52
C PRO A 309 -15.64 28.35 -4.81
N LEU A 310 -15.49 27.16 -5.40
CA LEU A 310 -16.07 26.88 -6.70
C LEU A 310 -17.59 26.86 -6.62
N ILE A 311 -18.23 27.21 -7.73
CA ILE A 311 -19.68 27.12 -7.86
C ILE A 311 -20.05 25.68 -8.20
N SER A 312 -21.35 25.36 -8.09
CA SER A 312 -21.79 23.98 -8.26
C SER A 312 -21.50 23.45 -9.65
N ILE A 313 -21.49 24.32 -10.67
CA ILE A 313 -21.24 23.86 -12.02
C ILE A 313 -19.83 23.31 -12.16
N GLN A 314 -18.85 24.02 -11.59
CA GLN A 314 -17.47 23.56 -11.65
C GLN A 314 -17.28 22.26 -10.90
N LYS A 315 -17.93 22.13 -9.73
CA LYS A 315 -17.86 20.88 -9.00
C LYS A 315 -18.49 19.75 -9.79
N SER A 316 -19.57 20.03 -10.50
CA SER A 316 -20.18 19.01 -11.36
C SER A 316 -19.23 18.60 -12.47
N ALA A 317 -18.53 19.57 -13.06
CA ALA A 317 -17.56 19.26 -14.10
C ALA A 317 -16.45 18.36 -13.55
N LEU A 318 -15.92 18.71 -12.38
CA LEU A 318 -14.87 17.89 -11.77
C LEU A 318 -15.38 16.49 -11.46
N ASP A 319 -16.62 16.38 -10.98
CA ASP A 319 -17.21 15.06 -10.74
C ASP A 319 -17.30 14.28 -12.03
N THR A 320 -17.71 14.92 -13.12
CA THR A 320 -17.76 14.24 -14.41
C THR A 320 -16.37 13.80 -14.85
N ARG A 321 -15.34 14.50 -14.42
CA ARG A 321 -13.97 14.10 -14.69
C ARG A 321 -13.41 13.14 -13.65
N SER A 322 -14.22 12.75 -12.66
CA SER A 322 -13.81 11.83 -11.60
C SER A 322 -12.59 12.35 -10.83
N CYS A 323 -12.56 13.65 -10.57
CA CYS A 323 -11.51 14.23 -9.75
C CYS A 323 -11.97 14.36 -8.30
N ASN A 324 -11.16 15.07 -7.52
CA ASN A 324 -11.47 15.36 -6.14
C ASN A 324 -11.25 16.85 -5.89
N PHE A 325 -12.10 17.44 -5.07
CA PHE A 325 -12.04 18.85 -4.77
C PHE A 325 -12.33 19.05 -3.30
N ILE A 326 -11.89 20.17 -2.76
CA ILE A 326 -12.14 20.49 -1.36
C ILE A 326 -13.40 21.34 -1.30
N ASP A 327 -14.54 20.70 -1.07
CA ASP A 327 -15.81 21.38 -1.00
C ASP A 327 -15.92 22.21 0.27
N LEU A 328 -16.80 23.20 0.24
CA LEU A 328 -17.04 24.07 1.38
C LEU A 328 -18.48 23.87 1.83
N ASP A 329 -18.68 22.93 2.75
CA ASP A 329 -20.00 22.63 3.30
C ASP A 329 -20.24 23.52 4.51
N GLY A 330 -20.99 24.61 4.32
CA GLY A 330 -21.33 25.48 5.42
C GLY A 330 -20.17 26.20 6.05
N GLY A 331 -18.99 26.19 5.43
CA GLY A 331 -17.84 26.87 6.00
C GLY A 331 -16.76 25.93 6.48
N VAL A 332 -16.93 24.64 6.23
CA VAL A 332 -15.97 23.63 6.60
C VAL A 332 -15.38 23.03 5.32
N PRO A 333 -14.08 23.14 5.09
CA PRO A 333 -13.49 22.62 3.85
C PRO A 333 -13.29 21.12 3.93
N VAL A 334 -14.08 20.38 3.16
CA VAL A 334 -14.08 18.92 3.18
C VAL A 334 -13.77 18.40 1.80
N VAL A 335 -12.77 17.52 1.71
CA VAL A 335 -12.52 16.80 0.47
C VAL A 335 -13.75 15.97 0.15
N ARG A 336 -14.12 15.90 -1.11
CA ARG A 336 -15.37 15.25 -1.46
C ARG A 336 -15.16 14.20 -2.53
N ARG A 337 -15.96 13.15 -2.41
CA ARG A 337 -16.16 12.01 -3.30
C ARG A 337 -15.02 11.00 -3.22
N GLY A 338 -13.89 11.33 -2.58
CA GLY A 338 -12.84 10.37 -2.27
C GLY A 338 -12.60 9.27 -3.29
N ILE A 339 -12.62 9.62 -4.57
CA ILE A 339 -12.67 8.63 -5.63
C ILE A 339 -11.42 8.75 -6.49
N THR A 340 -11.09 7.65 -7.16
CA THR A 340 -9.98 7.64 -8.10
C THR A 340 -10.49 7.91 -9.50
N SER A 341 -9.57 8.31 -10.37
CA SER A 341 -9.94 8.55 -11.76
C SER A 341 -10.32 7.23 -12.42
N GLY A 342 -11.62 6.98 -12.56
CA GLY A 342 -12.06 5.70 -13.06
C GLY A 342 -13.24 5.15 -12.29
N GLY A 343 -13.65 5.88 -11.26
CA GLY A 343 -14.87 5.57 -10.55
C GLY A 343 -14.70 4.66 -9.34
N GLU A 344 -13.51 4.11 -9.13
CA GLU A 344 -13.31 3.22 -8.00
C GLU A 344 -13.01 4.02 -6.73
N TRP A 345 -13.61 3.60 -5.62
CA TRP A 345 -13.34 4.26 -4.36
C TRP A 345 -11.91 4.00 -3.92
N ILE A 346 -11.32 5.00 -3.27
CA ILE A 346 -9.94 4.85 -2.81
C ILE A 346 -9.83 3.71 -1.79
N ASP A 347 -10.77 3.66 -0.85
CA ASP A 347 -10.68 2.66 0.20
C ASP A 347 -10.79 1.26 -0.38
N ILE A 348 -11.57 1.09 -1.45
CA ILE A 348 -11.68 -0.23 -2.07
C ILE A 348 -10.35 -0.66 -2.65
N VAL A 349 -9.67 0.23 -3.37
CA VAL A 349 -8.39 -0.11 -3.98
C VAL A 349 -7.36 -0.41 -2.90
N ARG A 350 -7.29 0.45 -1.88
CA ARG A 350 -6.32 0.23 -0.81
C ARG A 350 -6.62 -1.06 -0.07
N GLY A 351 -7.89 -1.37 0.15
CA GLY A 351 -8.24 -2.60 0.82
C GLY A 351 -7.88 -3.83 0.00
N VAL A 352 -8.07 -3.76 -1.32
CA VAL A 352 -7.69 -4.87 -2.17
C VAL A 352 -6.18 -5.10 -2.12
N ASP A 353 -5.41 -4.02 -2.21
CA ASP A 353 -3.96 -4.15 -2.10
C ASP A 353 -3.57 -4.73 -0.75
N TRP A 354 -4.20 -4.24 0.32
CA TRP A 354 -3.89 -4.75 1.65
C TRP A 354 -4.26 -6.22 1.78
N LEU A 355 -5.35 -6.63 1.14
CA LEU A 355 -5.72 -8.05 1.33
C LEU A 355 -4.55 -8.85 0.75
N GLU A 356 -4.13 -8.49 -0.45
CA GLU A 356 -3.05 -9.25 -1.10
C GLU A 356 -1.87 -9.28 -0.14
N SER A 357 -1.42 -8.10 0.26
CA SER A 357 -0.25 -8.03 1.15
C SER A 357 -0.49 -8.95 2.33
N ASP A 358 -1.72 -9.08 2.78
CA ASP A 358 -1.92 -9.89 3.97
C ASP A 358 -1.95 -11.37 3.63
N LEU A 359 -2.58 -11.74 2.52
CA LEU A 359 -2.55 -13.13 2.08
C LEU A 359 -1.12 -13.57 1.80
N LYS A 360 -0.34 -12.71 1.14
CA LYS A 360 1.05 -13.04 0.88
C LYS A 360 1.82 -13.23 2.17
N THR A 361 1.62 -12.33 3.13
CA THR A 361 2.36 -12.43 4.39
C THR A 361 1.98 -13.69 5.16
N SER A 362 0.68 -14.00 5.23
CA SER A 362 0.26 -15.18 5.99
C SER A 362 0.76 -16.46 5.35
N LEU A 363 0.65 -16.58 4.02
CA LEU A 363 1.14 -17.78 3.38
C LEU A 363 2.66 -17.87 3.44
N ARG A 364 3.37 -16.74 3.36
CA ARG A 364 4.82 -16.78 3.53
C ARG A 364 5.19 -17.23 4.92
N ASP A 365 4.42 -16.80 5.92
CA ASP A 365 4.65 -17.27 7.29
C ASP A 365 4.45 -18.76 7.39
N LEU A 366 3.40 -19.29 6.77
CA LEU A 366 3.17 -20.73 6.82
C LEU A 366 4.28 -21.49 6.09
N LEU A 367 4.69 -21.01 4.93
CA LEU A 367 5.58 -21.76 4.06
C LEU A 367 7.05 -21.54 4.36
N ILE A 368 7.39 -20.61 5.23
CA ILE A 368 8.79 -20.39 5.57
C ILE A 368 9.18 -21.14 6.83
N ASN A 369 8.34 -21.09 7.85
CA ASN A 369 8.66 -21.64 9.16
C ASN A 369 8.65 -23.13 9.19
N GLN A 370 8.58 -23.83 8.07
CA GLN A 370 8.59 -25.29 8.07
C GLN A 370 10.03 -25.79 7.99
N LYS A 371 10.81 -25.44 9.02
CA LYS A 371 12.21 -25.85 9.04
C LYS A 371 12.36 -27.33 9.34
N GLY A 372 11.57 -27.87 10.26
CA GLY A 372 11.71 -29.25 10.65
C GLY A 372 11.46 -30.22 9.52
N GLY A 373 10.43 -29.97 8.73
CA GLY A 373 10.06 -30.90 7.69
C GLY A 373 9.48 -30.18 6.49
N LYS A 374 8.42 -30.76 5.97
CA LYS A 374 7.87 -30.37 4.68
C LYS A 374 6.36 -30.32 4.78
N ILE A 375 5.74 -29.63 3.83
CA ILE A 375 4.30 -29.70 3.66
C ILE A 375 4.00 -30.61 2.48
N THR A 376 3.60 -31.84 2.77
CA THR A 376 3.42 -32.82 1.72
C THR A 376 2.30 -32.40 0.80
N TYR A 377 2.38 -32.82 -0.47
CA TYR A 377 1.43 -32.38 -1.48
C TYR A 377 0.11 -33.13 -1.40
N ASP A 378 -0.17 -33.84 -0.32
CA ASP A 378 -1.45 -34.53 -0.20
C ASP A 378 -2.53 -33.55 0.22
N ASP A 379 -3.69 -34.08 0.62
CA ASP A 379 -4.82 -33.22 0.97
C ASP A 379 -4.54 -32.40 2.22
N THR A 380 -3.67 -32.88 3.10
CA THR A 380 -3.41 -32.17 4.35
C THR A 380 -2.76 -30.82 4.09
N GLY A 381 -1.76 -30.78 3.22
CA GLY A 381 -1.12 -29.51 2.91
C GLY A 381 -2.08 -28.52 2.27
N ILE A 382 -2.91 -29.00 1.35
CA ILE A 382 -3.90 -28.13 0.72
C ILE A 382 -4.88 -27.61 1.75
N THR A 383 -5.28 -28.46 2.69
CA THR A 383 -6.21 -28.02 3.73
C THR A 383 -5.58 -26.96 4.62
N ARG A 384 -4.30 -27.13 4.98
CA ARG A 384 -3.64 -26.11 5.78
C ARG A 384 -3.56 -24.79 5.03
N ILE A 385 -3.22 -24.84 3.74
CA ILE A 385 -3.14 -23.63 2.94
C ILE A 385 -4.50 -22.95 2.87
N ARG A 386 -5.56 -23.74 2.65
CA ARG A 386 -6.90 -23.18 2.60
C ARG A 386 -7.29 -22.56 3.93
N GLN A 387 -6.92 -23.19 5.04
CA GLN A 387 -7.24 -22.62 6.34
C GLN A 387 -6.54 -21.29 6.55
N VAL A 388 -5.28 -21.19 6.12
CA VAL A 388 -4.58 -19.92 6.27
C VAL A 388 -5.23 -18.85 5.40
N ILE A 389 -5.64 -19.22 4.19
CA ILE A 389 -6.32 -18.26 3.32
C ILE A 389 -7.62 -17.78 3.97
N GLU A 390 -8.39 -18.72 4.52
CA GLU A 390 -9.66 -18.35 5.13
C GLU A 390 -9.44 -17.50 6.39
N THR A 391 -8.36 -17.78 7.13
CA THR A 391 -8.03 -16.94 8.27
C THR A 391 -7.73 -15.51 7.83
N SER A 392 -6.98 -15.35 6.74
CA SER A 392 -6.71 -14.01 6.24
C SER A 392 -7.99 -13.31 5.82
N LEU A 393 -8.88 -14.04 5.14
CA LEU A 393 -10.14 -13.42 4.71
C LEU A 393 -11.00 -13.06 5.92
N GLN A 394 -10.98 -13.88 6.97
CA GLN A 394 -11.73 -13.55 8.17
C GLN A 394 -11.14 -12.35 8.88
N ARG A 395 -9.81 -12.20 8.82
CA ARG A 395 -9.19 -10.97 9.30
C ARG A 395 -9.70 -9.78 8.52
N ALA A 396 -9.87 -9.94 7.21
CA ALA A 396 -10.46 -8.86 6.41
C ALA A 396 -11.88 -8.56 6.86
N VAL A 397 -12.67 -9.60 7.12
CA VAL A 397 -14.07 -9.39 7.47
C VAL A 397 -14.19 -8.70 8.83
N ASN A 398 -13.40 -9.14 9.82
CA ASN A 398 -13.48 -8.55 11.15
C ASN A 398 -13.15 -7.07 11.14
N ARG A 399 -12.46 -6.61 10.11
CA ARG A 399 -12.14 -5.20 9.94
C ARG A 399 -13.29 -4.42 9.33
N LYS A 400 -14.38 -5.10 8.98
CA LYS A 400 -15.55 -4.50 8.33
C LYS A 400 -15.21 -3.96 6.94
N PHE A 401 -14.30 -4.64 6.25
CA PHE A 401 -14.05 -4.36 4.84
C PHE A 401 -14.88 -5.26 3.95
N LEU A 402 -14.82 -6.57 4.19
CA LEU A 402 -15.64 -7.54 3.50
C LEU A 402 -16.85 -7.91 4.36
N SER A 403 -17.77 -8.65 3.76
CA SER A 403 -18.90 -9.23 4.50
C SER A 403 -18.84 -10.74 4.54
N THR A 404 -18.70 -11.39 3.39
CA THR A 404 -18.56 -12.83 3.31
C THR A 404 -17.38 -13.18 2.43
N TYR A 405 -17.12 -14.47 2.28
CA TYR A 405 -16.06 -14.95 1.41
C TYR A 405 -16.25 -16.44 1.19
N THR A 406 -15.82 -16.92 0.03
CA THR A 406 -15.79 -18.35 -0.26
C THR A 406 -14.41 -18.69 -0.81
N VAL A 407 -13.90 -19.86 -0.46
CA VAL A 407 -12.60 -20.31 -0.92
C VAL A 407 -12.77 -21.69 -1.55
N THR A 408 -12.21 -21.86 -2.75
CA THR A 408 -12.27 -23.11 -3.48
C THR A 408 -10.84 -23.55 -3.79
N VAL A 409 -10.48 -24.76 -3.36
CA VAL A 409 -9.14 -25.27 -3.56
C VAL A 409 -9.20 -26.61 -4.28
N PRO A 410 -8.22 -26.97 -5.09
CA PRO A 410 -8.27 -28.23 -5.83
C PRO A 410 -7.92 -29.41 -4.96
N LYS A 411 -8.46 -30.56 -5.34
CA LYS A 411 -8.14 -31.80 -4.66
C LYS A 411 -6.76 -32.28 -5.08
N ALA A 412 -6.18 -33.18 -4.28
CA ALA A 412 -4.84 -33.67 -4.57
C ALA A 412 -4.80 -34.52 -5.83
N SER A 413 -5.91 -35.14 -6.22
CA SER A 413 -5.94 -35.99 -7.39
C SER A 413 -6.21 -35.24 -8.69
N GLN A 414 -6.58 -33.97 -8.60
CA GLN A 414 -6.87 -33.16 -9.78
C GLN A 414 -5.71 -32.24 -10.15
N VAL A 415 -4.57 -32.37 -9.49
CA VAL A 415 -3.40 -31.57 -9.78
C VAL A 415 -2.47 -32.39 -10.66
N ALA A 416 -2.08 -31.82 -11.80
CA ALA A 416 -1.27 -32.56 -12.75
C ALA A 416 0.14 -32.77 -12.21
N LEU A 417 0.80 -33.80 -12.74
CA LEU A 417 2.17 -34.10 -12.33
C LEU A 417 3.12 -32.96 -12.66
N ALA A 418 2.81 -32.18 -13.69
CA ALA A 418 3.66 -31.06 -14.06
C ALA A 418 3.78 -30.06 -12.92
N ASP A 419 2.68 -29.87 -12.18
CA ASP A 419 2.72 -28.95 -11.04
C ASP A 419 3.44 -29.57 -9.85
N LYS A 420 3.09 -30.80 -9.51
CA LYS A 420 3.67 -31.39 -8.28
C LYS A 420 5.19 -31.42 -8.42
N LYS A 421 5.68 -31.67 -9.62
CA LYS A 421 7.14 -31.72 -9.83
C LYS A 421 7.70 -30.36 -9.42
N ALA A 422 7.14 -29.28 -9.94
CA ALA A 422 7.65 -27.94 -9.62
C ALA A 422 7.20 -27.55 -8.23
N ARG A 423 6.76 -28.54 -7.44
CA ARG A 423 6.40 -28.25 -6.06
C ARG A 423 5.69 -26.91 -5.94
N ILE A 424 4.62 -26.71 -6.71
CA ILE A 424 3.84 -25.48 -6.69
C ILE A 424 2.37 -25.85 -6.63
N LEU A 425 1.56 -24.98 -6.05
CA LEU A 425 0.11 -25.14 -6.00
C LEU A 425 -0.53 -23.99 -6.74
N LYS A 426 -1.40 -24.29 -7.68
CA LYS A 426 -2.00 -23.29 -8.54
C LYS A 426 -3.51 -23.25 -8.37
N ASP A 427 -4.16 -22.48 -9.25
CA ASP A 427 -5.60 -22.37 -9.43
C ASP A 427 -6.42 -22.47 -8.14
N ILE A 428 -6.00 -21.75 -7.11
CA ILE A 428 -6.83 -21.51 -5.95
C ILE A 428 -7.61 -20.22 -6.18
N THR A 429 -8.93 -20.28 -5.98
CA THR A 429 -9.77 -19.12 -6.17
C THR A 429 -10.50 -18.78 -4.87
N PHE A 430 -10.76 -17.50 -4.67
CA PHE A 430 -11.58 -17.04 -3.57
C PHE A 430 -12.36 -15.82 -4.02
N HIS A 431 -13.49 -15.60 -3.36
CA HIS A 431 -14.38 -14.48 -3.67
C HIS A 431 -14.71 -13.73 -2.40
N GLY A 432 -15.04 -12.46 -2.55
CA GLY A 432 -15.41 -11.64 -1.41
C GLY A 432 -16.50 -10.66 -1.79
N ILE A 433 -17.29 -10.28 -0.78
CA ILE A 433 -18.36 -9.30 -0.95
C ILE A 433 -18.07 -8.13 -0.02
N LEU A 434 -17.98 -6.94 -0.59
CA LEU A 434 -17.63 -5.76 0.18
C LEU A 434 -18.83 -5.27 0.97
N ALA A 435 -18.55 -4.40 1.93
CA ALA A 435 -19.58 -3.70 2.70
C ALA A 435 -19.41 -2.21 2.48
N GLY A 436 -20.45 -1.56 1.98
CA GLY A 436 -20.34 -0.16 1.64
C GLY A 436 -20.35 0.74 2.86
N ALA A 437 -20.04 2.01 2.61
CA ALA A 437 -20.13 3.06 3.63
C ALA A 437 -21.00 4.18 3.10
N ILE A 438 -21.63 4.92 4.01
CA ILE A 438 -22.55 5.97 3.66
C ILE A 438 -21.81 7.30 3.66
N LEU A 439 -21.96 8.08 2.59
CA LEU A 439 -21.31 9.36 2.47
C LEU A 439 -22.27 10.51 2.19
N ASP A 440 -23.49 10.25 1.76
CA ASP A 440 -24.45 11.31 1.48
C ASP A 440 -25.84 10.87 1.90
N VAL A 441 -26.69 11.87 2.15
CA VAL A 441 -28.04 11.64 2.65
C VAL A 441 -29.04 12.35 1.75
N ASP A 442 -30.13 11.64 1.43
CA ASP A 442 -31.25 12.20 0.69
C ASP A 442 -32.39 12.44 1.65
N LEU A 443 -32.97 13.64 1.62
CA LEU A 443 -34.00 13.99 2.59
C LEU A 443 -35.18 14.64 1.89
N LYS A 444 -36.34 14.53 2.53
CA LYS A 444 -37.57 15.16 2.11
C LYS A 444 -38.22 15.82 3.32
N GLY A 445 -39.29 16.57 3.09
CA GLY A 445 -39.95 17.24 4.19
C GLY A 445 -41.34 17.70 3.86
N THR A 446 -42.21 17.80 4.86
CA THR A 446 -43.59 18.19 4.59
C THR A 446 -43.96 19.52 5.24
N VAL A 447 -43.87 19.59 6.58
CA VAL A 447 -44.18 20.79 7.34
C VAL A 447 -45.55 21.37 7.00
N ALA A 448 -46.57 20.98 7.76
CA ALA A 448 -47.91 21.53 7.55
C ALA A 448 -48.59 21.88 8.87
N ALA B 2 -31.04 -42.98 -4.51
CA ALA B 2 -30.84 -44.40 -4.28
C ALA B 2 -29.72 -44.63 -3.28
N MET B 3 -28.51 -44.20 -3.64
CA MET B 3 -27.34 -44.33 -2.78
C MET B 3 -26.81 -42.95 -2.42
N TYR B 4 -26.53 -42.74 -1.15
CA TYR B 4 -25.98 -41.48 -0.67
C TYR B 4 -24.46 -41.50 -0.74
N GLN B 5 -23.84 -40.38 -0.39
CA GLN B 5 -22.39 -40.27 -0.47
C GLN B 5 -21.71 -41.18 0.53
N GLN B 6 -20.63 -41.82 0.10
CA GLN B 6 -19.82 -42.61 1.00
C GLN B 6 -19.15 -41.72 2.03
N TYR B 7 -18.96 -42.24 3.21
CA TYR B 7 -18.32 -41.51 4.31
C TYR B 7 -17.04 -42.24 4.67
N SER B 8 -15.90 -41.67 4.30
CA SER B 8 -14.61 -42.26 4.64
C SER B 8 -13.94 -41.41 5.69
N PRO B 9 -13.76 -41.90 6.92
CA PRO B 9 -13.14 -41.07 7.96
C PRO B 9 -11.67 -40.82 7.74
N LYS B 10 -11.00 -41.56 6.85
CA LYS B 10 -9.60 -41.31 6.60
C LYS B 10 -9.37 -40.07 5.74
N ASP B 11 -10.39 -39.61 5.02
CA ASP B 11 -10.27 -38.44 4.17
C ASP B 11 -10.64 -37.15 4.90
N VAL B 12 -11.09 -37.23 6.14
CA VAL B 12 -11.48 -36.04 6.89
C VAL B 12 -10.23 -35.40 7.49
N VAL B 13 -9.99 -34.14 7.15
CA VAL B 13 -8.81 -33.42 7.61
C VAL B 13 -9.27 -32.15 8.30
N CYS B 14 -8.80 -31.94 9.53
CA CYS B 14 -9.12 -30.75 10.30
C CYS B 14 -7.86 -29.93 10.49
N SER B 15 -7.94 -28.64 10.22
CA SER B 15 -6.77 -27.77 10.30
C SER B 15 -7.12 -26.50 11.05
N TRP B 16 -6.26 -26.13 12.00
CA TRP B 16 -6.43 -24.94 12.82
C TRP B 16 -5.10 -24.26 13.02
N ASN B 17 -5.09 -22.93 12.94
CA ASN B 17 -3.89 -22.14 13.22
C ASN B 17 -2.71 -22.55 12.36
N GLY B 18 -2.99 -22.90 11.11
CA GLY B 18 -1.93 -23.24 10.19
C GLY B 18 -1.34 -24.63 10.34
N ILE B 19 -1.83 -25.42 11.29
CA ILE B 19 -1.37 -26.79 11.44
C ILE B 19 -2.56 -27.70 11.18
N ALA B 20 -2.25 -28.96 10.87
CA ALA B 20 -3.28 -29.96 10.63
C ALA B 20 -3.33 -30.92 11.80
N ILE B 21 -4.53 -31.14 12.33
CA ILE B 21 -4.74 -31.99 13.49
C ILE B 21 -4.95 -33.41 12.96
N GLU B 22 -3.96 -34.26 13.15
CA GLU B 22 -3.96 -35.60 12.58
C GLU B 22 -3.96 -36.65 13.69
N GLY B 23 -4.57 -37.78 13.39
CA GLY B 23 -4.61 -38.89 14.32
C GLY B 23 -5.87 -38.81 15.16
N PHE B 24 -6.86 -39.64 14.86
CA PHE B 24 -8.16 -39.54 15.48
C PHE B 24 -8.40 -40.71 16.41
N ALA B 25 -9.23 -40.48 17.42
CA ALA B 25 -9.54 -41.53 18.38
C ALA B 25 -10.28 -42.67 17.69
N PRO B 26 -10.19 -43.89 18.23
CA PRO B 26 -10.79 -45.03 17.54
C PRO B 26 -12.30 -44.92 17.33
N ASP B 27 -13.04 -44.27 18.22
CA ASP B 27 -14.49 -44.34 18.18
C ASP B 27 -15.15 -43.03 17.77
N SER B 28 -14.89 -41.94 18.49
CA SER B 28 -15.51 -40.66 18.18
C SER B 28 -14.45 -39.58 18.24
N PHE B 29 -14.37 -38.77 17.19
CA PHE B 29 -13.24 -37.85 17.06
C PHE B 29 -13.62 -36.43 16.66
N LEU B 30 -14.90 -36.09 16.59
CA LEU B 30 -15.28 -34.72 16.27
C LEU B 30 -16.72 -34.50 16.67
N ARG B 31 -16.99 -33.38 17.33
CA ARG B 31 -18.32 -33.06 17.81
C ARG B 31 -18.52 -31.56 17.71
N LEU B 32 -19.47 -31.12 16.89
CA LEU B 32 -19.80 -29.71 16.75
C LEU B 32 -21.19 -29.48 17.28
N GLN B 33 -21.35 -28.43 18.09
CA GLN B 33 -22.63 -28.15 18.72
C GLN B 33 -22.71 -26.67 19.02
N ARG B 34 -23.84 -26.06 18.64
CA ARG B 34 -24.09 -24.67 19.00
C ARG B 34 -24.53 -24.59 20.46
N THR B 35 -24.09 -23.53 21.14
CA THR B 35 -24.40 -23.40 22.55
C THR B 35 -25.84 -23.01 22.82
N SER B 36 -26.56 -22.51 21.83
CA SER B 36 -27.92 -22.05 22.04
C SER B 36 -28.81 -22.46 20.89
N PRO B 37 -30.10 -22.67 21.14
CA PRO B 37 -31.01 -23.03 20.05
C PRO B 37 -31.30 -21.82 19.17
N LEU B 38 -31.76 -22.11 17.95
CA LEU B 38 -32.02 -21.05 16.98
C LEU B 38 -33.10 -20.10 17.50
N VAL B 39 -34.23 -20.64 17.92
CA VAL B 39 -35.32 -19.84 18.46
C VAL B 39 -35.79 -20.48 19.75
N THR B 40 -36.43 -19.67 20.58
CA THR B 40 -37.06 -20.16 21.80
C THR B 40 -38.45 -19.56 21.88
N PRO B 41 -39.50 -20.34 21.64
CA PRO B 41 -40.85 -19.77 21.61
C PRO B 41 -41.39 -19.50 23.00
N VAL B 42 -42.03 -18.34 23.13
CA VAL B 42 -42.67 -17.94 24.37
C VAL B 42 -44.16 -18.12 24.18
N VAL B 43 -44.76 -19.02 24.94
CA VAL B 43 -46.18 -19.34 24.82
C VAL B 43 -46.92 -18.59 25.91
N GLY B 44 -47.82 -17.70 25.51
CA GLY B 44 -48.60 -16.96 26.48
C GLY B 44 -49.62 -17.83 27.15
N ALA B 45 -50.18 -17.31 28.25
CA ALA B 45 -51.17 -18.08 28.99
C ALA B 45 -52.43 -18.33 28.18
N GLY B 46 -52.70 -17.50 27.18
CA GLY B 46 -53.83 -17.69 26.29
C GLY B 46 -53.54 -18.57 25.09
N GLY B 47 -52.35 -19.14 25.00
CA GLY B 47 -52.00 -20.02 23.91
C GLY B 47 -51.27 -19.38 22.75
N GLN B 48 -51.19 -18.06 22.69
CA GLN B 48 -50.50 -17.41 21.59
C GLN B 48 -49.00 -17.66 21.70
N VAL B 49 -48.34 -17.68 20.54
CA VAL B 49 -46.92 -18.03 20.46
C VAL B 49 -46.17 -16.88 19.81
N ALA B 50 -45.11 -16.42 20.46
CA ALA B 50 -44.22 -15.43 19.90
C ALA B 50 -42.79 -15.96 19.94
N LEU B 51 -42.17 -16.09 18.78
CA LEU B 51 -40.82 -16.62 18.68
C LEU B 51 -39.82 -15.58 19.16
N THR B 52 -38.66 -16.05 19.62
CA THR B 52 -37.56 -15.15 20.01
C THR B 52 -36.36 -15.64 19.25
N ARG B 53 -35.96 -14.98 18.18
CA ARG B 53 -34.86 -15.51 17.34
C ARG B 53 -33.54 -15.22 18.04
N ASN B 54 -32.88 -16.25 18.57
CA ASN B 54 -31.64 -16.02 19.36
C ASN B 54 -30.56 -15.42 18.47
N ALA B 55 -29.70 -14.59 19.05
CA ALA B 55 -28.64 -13.91 18.33
C ALA B 55 -27.26 -14.50 18.60
N ASP B 56 -27.19 -15.59 19.34
CA ASP B 56 -25.92 -16.19 19.71
C ASP B 56 -25.63 -17.38 18.81
N LYS B 57 -24.58 -17.28 18.01
CA LYS B 57 -24.21 -18.33 17.06
C LYS B 57 -22.98 -19.11 17.50
N THR B 58 -22.57 -18.94 18.76
CA THR B 58 -21.34 -19.54 19.26
C THR B 58 -21.48 -21.06 19.35
N GLY B 59 -20.43 -21.77 18.97
CA GLY B 59 -20.40 -23.21 19.09
C GLY B 59 -19.10 -23.67 19.71
N THR B 60 -19.11 -24.93 20.16
CA THR B 60 -17.95 -25.56 20.75
C THR B 60 -17.57 -26.78 19.92
N ILE B 61 -16.28 -26.91 19.61
CA ILE B 61 -15.75 -27.98 18.80
C ILE B 61 -14.92 -28.90 19.70
N GLU B 62 -15.30 -30.17 19.77
CA GLU B 62 -14.58 -31.16 20.56
C GLU B 62 -13.97 -32.17 19.63
N ILE B 63 -12.65 -32.36 19.73
CA ILE B 63 -11.92 -33.26 18.86
C ILE B 63 -11.07 -34.19 19.71
N GLU B 64 -11.11 -35.48 19.39
CA GLU B 64 -10.40 -36.50 20.15
C GLU B 64 -9.28 -37.09 19.30
N LEU B 65 -8.08 -37.13 19.86
CA LEU B 65 -6.92 -37.69 19.17
C LEU B 65 -6.40 -38.89 19.94
N MET B 66 -5.67 -39.75 19.22
CA MET B 66 -5.09 -40.91 19.87
C MET B 66 -4.13 -40.47 20.97
N GLN B 67 -3.89 -41.37 21.92
CA GLN B 67 -3.13 -41.01 23.10
C GLN B 67 -1.72 -40.58 22.74
N THR B 68 -1.08 -41.29 21.79
CA THR B 68 0.31 -41.04 21.45
C THR B 68 0.47 -40.24 20.17
N SER B 69 -0.60 -39.59 19.71
CA SER B 69 -0.54 -38.85 18.45
C SER B 69 0.43 -37.68 18.56
N LEU B 70 1.00 -37.27 17.44
CA LEU B 70 1.99 -36.16 17.48
C LEU B 70 1.22 -34.85 17.67
N SER B 71 0.07 -34.72 17.02
CA SER B 71 -0.68 -33.44 17.11
C SER B 71 -0.84 -33.06 18.58
N ASN B 72 -1.09 -34.04 19.44
CA ASN B 72 -1.28 -33.77 20.89
C ASN B 72 -0.10 -32.94 21.39
N GLN B 73 1.08 -33.11 20.81
CA GLN B 73 2.27 -32.41 21.32
C GLN B 73 2.53 -31.19 20.43
N MET B 74 1.70 -30.96 19.40
CA MET B 74 1.86 -29.74 18.59
C MET B 74 0.83 -28.71 19.05
N LEU B 75 -0.28 -29.18 19.58
CA LEU B 75 -1.27 -28.24 20.16
C LEU B 75 -0.77 -27.81 21.54
N SER B 76 -0.13 -28.71 22.28
CA SER B 76 0.41 -28.29 23.57
C SER B 76 1.43 -27.18 23.41
N ALA B 77 2.33 -27.30 22.43
CA ALA B 77 3.31 -26.25 22.19
C ALA B 77 2.63 -24.96 21.75
N ILE B 78 1.61 -25.07 20.92
CA ILE B 78 0.87 -23.88 20.47
C ILE B 78 0.22 -23.19 21.67
N GLN B 79 -0.41 -23.97 22.55
CA GLN B 79 -1.04 -23.39 23.72
C GLN B 79 -0.01 -22.73 24.64
N ALA B 80 1.15 -23.38 24.83
CA ALA B 80 2.18 -22.79 25.67
C ALA B 80 2.67 -21.47 25.09
N LYS B 81 2.84 -21.43 23.76
CA LYS B 81 3.23 -20.17 23.13
C LYS B 81 2.16 -19.10 23.28
N GLN B 82 0.89 -19.49 23.13
CA GLN B 82 -0.19 -18.52 23.20
C GLN B 82 -0.36 -17.96 24.60
N ASP B 83 -0.05 -18.76 25.63
CA ASP B 83 -0.19 -18.26 26.99
C ASP B 83 0.74 -17.08 27.22
N ASP B 84 1.97 -17.15 26.72
CA ASP B 84 2.94 -16.08 26.89
C ASP B 84 2.58 -14.82 26.11
N MET B 85 1.64 -14.91 25.17
CA MET B 85 1.29 -13.77 24.33
C MET B 85 0.59 -12.70 25.15
N GLU B 86 0.66 -11.47 24.66
CA GLU B 86 -0.11 -10.39 25.25
C GLU B 86 -1.58 -10.55 24.89
N LEU B 87 -2.41 -9.66 25.45
CA LEU B 87 -3.84 -9.70 25.10
C LEU B 87 -4.08 -9.18 23.70
N GLU B 88 -3.33 -8.18 23.27
CA GLU B 88 -3.58 -7.51 22.00
C GLU B 88 -3.36 -8.40 20.80
N GLU B 89 -2.62 -9.50 20.94
CA GLU B 89 -2.40 -10.40 19.83
C GLU B 89 -3.56 -11.37 19.70
N ASP B 90 -3.88 -11.73 18.46
CA ASP B 90 -4.99 -12.61 18.19
C ASP B 90 -4.62 -14.05 18.52
N ILE B 91 -5.50 -14.74 19.22
CA ILE B 91 -5.31 -16.13 19.61
C ILE B 91 -6.32 -17.04 18.94
N SER B 92 -7.02 -16.55 17.92
CA SER B 92 -8.08 -17.30 17.27
C SER B 92 -7.83 -17.38 15.77
N SER B 93 -8.31 -18.46 15.17
CA SER B 93 -8.23 -18.65 13.73
C SER B 93 -9.36 -19.56 13.29
N ASN B 94 -9.65 -19.51 11.99
CA ASN B 94 -10.74 -20.31 11.45
C ASN B 94 -10.43 -21.80 11.58
N PHE B 95 -11.37 -22.56 12.12
CA PHE B 95 -11.24 -24.01 12.21
C PHE B 95 -11.80 -24.61 10.93
N VAL B 96 -10.94 -25.21 10.12
CA VAL B 96 -11.28 -25.68 8.79
C VAL B 96 -11.36 -27.19 8.81
N ILE B 97 -12.45 -27.73 8.28
CA ILE B 97 -12.65 -29.17 8.13
C ILE B 97 -12.84 -29.47 6.66
N TYR B 98 -12.03 -30.37 6.13
CA TYR B 98 -12.15 -30.80 4.74
C TYR B 98 -12.78 -32.18 4.73
N ASP B 99 -14.04 -32.25 4.34
CA ASP B 99 -14.79 -33.50 4.28
C ASP B 99 -15.45 -33.61 2.91
N PRO B 100 -14.99 -34.51 2.04
CA PRO B 100 -15.61 -34.62 0.72
C PRO B 100 -16.94 -35.35 0.74
N SER B 101 -17.30 -35.98 1.85
CA SER B 101 -18.57 -36.69 1.95
C SER B 101 -19.74 -35.77 2.23
N GLY B 102 -19.49 -34.52 2.64
CA GLY B 102 -20.58 -33.68 3.07
C GLY B 102 -21.17 -34.07 4.40
N SER B 103 -20.54 -35.00 5.12
CA SER B 103 -21.07 -35.41 6.41
C SER B 103 -21.05 -34.26 7.40
N VAL B 104 -19.96 -33.52 7.44
CA VAL B 104 -19.87 -32.34 8.30
C VAL B 104 -20.43 -31.15 7.54
N LEU B 105 -21.00 -30.21 8.27
CA LEU B 105 -21.66 -29.07 7.67
C LEU B 105 -21.06 -27.73 8.07
N ALA B 106 -20.25 -27.69 9.11
CA ALA B 106 -19.85 -26.45 9.75
C ALA B 106 -18.36 -26.21 9.62
N THR B 107 -17.99 -24.95 9.57
CA THR B 107 -16.60 -24.52 9.70
C THR B 107 -16.52 -23.49 10.83
N GLY B 108 -15.61 -23.72 11.76
CA GLY B 108 -15.49 -22.84 12.89
C GLY B 108 -14.91 -21.49 12.56
N ILE B 109 -15.67 -20.43 12.82
CA ILE B 109 -15.25 -19.08 12.50
C ILE B 109 -14.64 -18.45 13.75
N ASN B 110 -13.41 -17.98 13.65
CA ASN B 110 -12.67 -17.40 14.77
C ASN B 110 -12.62 -18.37 15.95
N ALA B 111 -12.25 -19.61 15.65
CA ALA B 111 -12.15 -20.64 16.68
C ALA B 111 -10.94 -20.39 17.56
N TRP B 112 -11.08 -20.72 18.85
CA TRP B 112 -10.02 -20.57 19.82
C TRP B 112 -9.95 -21.82 20.68
N LEU B 113 -8.78 -22.08 21.24
CA LEU B 113 -8.60 -23.23 22.11
C LEU B 113 -9.23 -22.92 23.47
N GLN B 114 -10.02 -23.85 23.99
CA GLN B 114 -10.76 -23.61 25.21
C GLN B 114 -10.30 -24.49 26.37
N GLU B 115 -10.30 -25.80 26.21
CA GLU B 115 -9.96 -26.71 27.30
C GLU B 115 -8.84 -27.64 26.88
N LEU B 116 -7.87 -27.81 27.77
CA LEU B 116 -6.83 -28.79 27.55
C LEU B 116 -7.40 -30.19 27.73
N PRO B 117 -6.80 -31.20 27.10
CA PRO B 117 -7.30 -32.56 27.28
C PRO B 117 -7.04 -33.06 28.68
N GLN B 118 -7.88 -33.99 29.12
CA GLN B 118 -7.68 -34.65 30.41
C GLN B 118 -6.80 -35.87 30.16
N ILE B 119 -5.59 -35.86 30.73
CA ILE B 119 -4.64 -36.94 30.52
C ILE B 119 -5.03 -38.11 31.41
N GLU B 120 -5.18 -39.28 30.80
CA GLU B 120 -5.51 -40.49 31.55
C GLU B 120 -4.67 -41.64 31.02
N LEU B 121 -3.97 -42.32 31.93
CA LEU B 121 -3.11 -43.44 31.51
C LEU B 121 -3.72 -44.71 32.08
N GLY B 122 -3.46 -45.85 31.47
CA GLY B 122 -4.06 -47.11 31.95
C GLY B 122 -3.51 -48.30 31.19
N ARG B 123 -3.93 -49.50 31.54
CA ARG B 123 -3.48 -50.72 30.83
C ARG B 123 -3.91 -50.58 29.38
N ASP B 124 -4.96 -49.83 29.13
CA ASP B 124 -5.42 -49.60 27.75
C ASP B 124 -5.09 -48.17 27.35
N GLN B 125 -5.46 -47.77 26.14
CA GLN B 125 -5.12 -46.44 25.68
C GLN B 125 -6.36 -45.56 25.74
N ASN B 126 -6.22 -44.38 26.33
CA ASN B 126 -7.31 -43.43 26.47
C ASN B 126 -7.02 -42.20 25.61
N SER B 127 -7.98 -41.83 24.78
CA SER B 127 -7.79 -40.70 23.89
C SER B 127 -7.81 -39.38 24.66
N LYS B 128 -7.25 -38.35 24.05
CA LYS B 128 -7.22 -37.01 24.61
C LYS B 128 -8.22 -36.14 23.88
N THR B 129 -9.05 -35.43 24.65
CA THR B 129 -10.17 -34.66 24.11
C THR B 129 -9.84 -33.17 24.18
N TRP B 130 -9.53 -32.56 23.05
CA TRP B 130 -9.34 -31.13 22.97
C TRP B 130 -10.68 -30.47 22.69
N ILE B 131 -10.88 -29.30 23.29
CA ILE B 131 -12.14 -28.57 23.13
C ILE B 131 -11.81 -27.19 22.56
N PHE B 132 -12.47 -26.83 21.48
CA PHE B 132 -12.29 -25.54 20.83
C PHE B 132 -13.59 -24.74 20.91
N GLY B 133 -13.46 -23.42 20.96
CA GLY B 133 -14.59 -22.53 20.85
C GLY B 133 -14.77 -22.06 19.42
N CYS B 134 -15.81 -21.23 19.23
CA CYS B 134 -16.07 -20.62 17.94
C CYS B 134 -16.75 -19.29 18.17
N GLU B 135 -16.65 -18.40 17.19
CA GLU B 135 -17.43 -17.18 17.26
C GLU B 135 -18.79 -17.36 16.62
N LYS B 136 -18.86 -18.09 15.51
CA LYS B 136 -20.11 -18.28 14.79
C LYS B 136 -19.97 -19.56 13.99
N LEU B 137 -20.57 -20.63 14.50
CA LEU B 137 -20.46 -21.94 13.85
C LEU B 137 -21.33 -21.98 12.61
N ASP B 138 -20.77 -21.58 11.48
CA ASP B 138 -21.53 -21.43 10.25
C ASP B 138 -21.83 -22.80 9.65
N TYR B 139 -23.11 -23.12 9.49
CA TYR B 139 -23.52 -24.32 8.78
C TYR B 139 -23.64 -24.00 7.30
N THR B 140 -22.67 -24.43 6.51
CA THR B 140 -22.70 -24.24 5.06
C THR B 140 -23.44 -25.40 4.41
N SER B 141 -23.83 -25.20 3.15
CA SER B 141 -24.55 -26.20 2.40
C SER B 141 -23.95 -26.33 1.01
N THR B 142 -23.92 -27.57 0.51
CA THR B 142 -23.52 -27.79 -0.88
C THR B 142 -24.54 -27.18 -1.84
N ILE B 143 -25.83 -27.32 -1.54
CA ILE B 143 -26.90 -26.80 -2.38
C ILE B 143 -26.81 -25.28 -2.41
N PRO B 144 -26.76 -24.66 -3.60
CA PRO B 144 -26.70 -23.20 -3.68
C PRO B 144 -28.08 -22.55 -3.64
#